data_3SC1
#
_entry.id   3SC1
#
_cell.length_a   123.707
_cell.length_b   123.707
_cell.length_c   47.295
_cell.angle_alpha   90.00
_cell.angle_beta   90.00
_cell.angle_gamma   120.00
#
_symmetry.space_group_name_H-M   'P 32 2 1'
#
loop_
_entity.id
_entity.type
_entity.pdbx_description
1 polymer '3-phosphoinositide-dependent protein kinase 1'
2 non-polymer 6-[2-(hydroxymethyl)phenyl]isoquinolin-1(2H)-one
3 non-polymer 'SULFATE ION'
4 non-polymer GLYCEROL
5 water water
#
_entity_poly.entity_id   1
_entity_poly.type   'polypeptide(L)'
_entity_poly.pdbx_seq_one_letter_code
;GAMDGTAAEPRPGAGSLQHAQPPPQPRKKRPEDFKFGKILGEGSFSTVVLARELATSREYAIKILEKRHIIKENKVPYVT
RERDVMSRLDHPFFVKLYFTFQDDEKLYFGLSYAKNGELLKYIRKIGSFDETCTRFYTAEIVSALEYLHGKGIIHRDLKP
ENILLNEDMHIQITDFGTAKVLSPESKQARAN(SEP)FVGTAQYVSPELLTEKSACKSSDLWALGCIIYQLVAGLPPFRA
GNEYLIFQKIIKLEYDFPEKFFPKARDLVEKLLVLDATKRLGCEEMEGYGPLKAHPFFESVTWENLHQQTPPKLT
;
_entity_poly.pdbx_strand_id   A
#
# COMPACT_ATOMS: atom_id res chain seq x y z
N GLN A 25 -14.56 20.50 -16.56
CA GLN A 25 -13.71 20.64 -15.34
C GLN A 25 -13.25 22.09 -15.15
N PRO A 26 -12.81 22.45 -13.94
CA PRO A 26 -12.22 23.79 -13.80
C PRO A 26 -11.01 23.91 -14.74
N ARG A 27 -10.66 25.12 -15.13
CA ARG A 27 -9.47 25.32 -15.95
C ARG A 27 -8.25 24.64 -15.30
N LYS A 28 -7.24 24.30 -16.10
CA LYS A 28 -6.04 23.68 -15.56
C LYS A 28 -5.35 24.61 -14.57
N LYS A 29 -4.82 24.02 -13.51
CA LYS A 29 -4.14 24.78 -12.48
C LYS A 29 -2.66 24.97 -12.83
N ARG A 30 -2.00 25.83 -12.06
CA ARG A 30 -0.61 26.16 -12.28
C ARG A 30 0.11 26.21 -10.95
N PRO A 31 1.44 26.08 -10.99
CA PRO A 31 2.24 26.18 -9.77
C PRO A 31 1.92 27.46 -8.98
N GLU A 32 1.62 28.53 -9.71
CA GLU A 32 1.39 29.83 -9.10
C GLU A 32 0.05 29.88 -8.38
N ASP A 33 -0.74 28.82 -8.51
CA ASP A 33 -2.01 28.71 -7.79
C ASP A 33 -1.79 28.24 -6.36
N PHE A 34 -0.57 27.83 -6.07
CA PHE A 34 -0.27 27.16 -4.82
C PHE A 34 0.78 27.88 -4.00
N LYS A 35 0.65 27.78 -2.68
CA LYS A 35 1.75 28.06 -1.77
C LYS A 35 2.39 26.70 -1.44
N PHE A 36 3.58 26.45 -1.97
CA PHE A 36 4.29 25.21 -1.69
C PHE A 36 5.03 25.31 -0.36
N GLY A 37 5.17 24.17 0.33
CA GLY A 37 5.92 24.16 1.57
C GLY A 37 6.78 22.93 1.79
N LYS A 38 6.83 22.52 3.06
CA LYS A 38 7.30 21.20 3.50
C LYS A 38 7.31 20.12 2.43
N ILE A 39 8.41 19.39 2.34
CA ILE A 39 8.49 18.17 1.55
C ILE A 39 7.94 16.99 2.34
N LEU A 40 6.92 16.33 1.81
CA LEU A 40 6.31 15.20 2.50
C LEU A 40 7.07 13.91 2.27
N GLY A 41 7.70 13.78 1.11
CA GLY A 41 8.46 12.57 0.82
C GLY A 41 9.24 12.66 -0.47
N GLU A 42 10.30 11.87 -0.56
CA GLU A 42 11.11 11.79 -1.77
C GLU A 42 11.18 10.37 -2.31
N GLY A 43 10.69 10.19 -3.54
CA GLY A 43 10.86 8.93 -4.24
C GLY A 43 12.07 9.02 -5.13
N SER A 44 12.21 8.08 -6.06
CA SER A 44 13.37 8.08 -6.94
C SER A 44 13.20 9.02 -8.14
N PHE A 45 11.97 9.16 -8.60
CA PHE A 45 11.70 9.97 -9.78
C PHE A 45 10.71 11.07 -9.47
N SER A 46 10.31 11.14 -8.20
CA SER A 46 9.35 12.15 -7.77
C SER A 46 9.71 12.67 -6.38
N THR A 47 9.29 13.91 -6.12
CA THR A 47 9.23 14.44 -4.77
C THR A 47 7.78 14.80 -4.51
N VAL A 48 7.30 14.52 -3.30
CA VAL A 48 5.96 14.96 -2.91
C VAL A 48 6.02 16.15 -1.95
N VAL A 49 5.39 17.25 -2.35
CA VAL A 49 5.45 18.50 -1.59
C VAL A 49 4.06 18.95 -1.15
N LEU A 50 3.96 19.36 0.10
CA LEU A 50 2.70 19.84 0.63
C LEU A 50 2.43 21.22 0.03
N ALA A 51 1.28 21.38 -0.61
CA ALA A 51 0.89 22.66 -1.18
C ALA A 51 -0.51 23.06 -0.69
N ARG A 52 -0.68 24.36 -0.47
CA ARG A 52 -1.99 24.89 -0.20
C ARG A 52 -2.47 25.71 -1.39
N GLU A 53 -3.61 25.32 -1.94
CA GLU A 53 -4.22 26.06 -3.04
C GLU A 53 -4.70 27.42 -2.54
N LEU A 54 -4.30 28.48 -3.21
CA LEU A 54 -4.59 29.84 -2.73
C LEU A 54 -6.08 30.13 -2.68
N ALA A 55 -6.77 29.79 -3.77
CA ALA A 55 -8.16 30.17 -3.98
C ALA A 55 -9.12 29.51 -2.99
N THR A 56 -8.76 28.33 -2.50
CA THR A 56 -9.68 27.50 -1.72
C THR A 56 -9.19 27.31 -0.29
N SER A 57 -7.90 27.50 -0.08
CA SER A 57 -7.27 27.20 1.20
C SER A 57 -7.02 25.68 1.39
N ARG A 58 -7.37 24.86 0.40
CA ARG A 58 -7.19 23.42 0.51
C ARG A 58 -5.72 22.98 0.46
N GLU A 59 -5.39 21.93 1.21
CA GLU A 59 -4.06 21.35 1.15
C GLU A 59 -4.04 20.08 0.32
N TYR A 60 -3.16 20.05 -0.66
CA TYR A 60 -2.91 18.83 -1.42
C TYR A 60 -1.47 18.36 -1.20
N ALA A 61 -1.25 17.07 -1.41
CA ALA A 61 0.11 16.55 -1.52
C ALA A 61 0.43 16.49 -3.01
N ILE A 62 1.36 17.32 -3.47
CA ILE A 62 1.62 17.39 -4.90
C ILE A 62 2.89 16.63 -5.28
N LYS A 63 2.72 15.59 -6.08
CA LYS A 63 3.83 14.75 -6.50
C LYS A 63 4.45 15.39 -7.72
N ILE A 64 5.71 15.79 -7.62
CA ILE A 64 6.36 16.49 -8.71
C ILE A 64 7.40 15.61 -9.39
N LEU A 65 7.27 15.47 -10.71
CA LEU A 65 8.18 14.63 -11.50
C LEU A 65 8.80 15.45 -12.61
N GLU A 66 10.12 15.36 -12.74
CA GLU A 66 10.85 16.10 -13.76
C GLU A 66 10.98 15.29 -15.05
N LYS A 67 10.48 15.87 -16.14
CA LYS A 67 10.37 15.11 -17.38
C LYS A 67 11.71 14.55 -17.87
N ARG A 68 12.77 15.34 -17.83
CA ARG A 68 14.07 14.89 -18.31
C ARG A 68 14.49 13.61 -17.59
N HIS A 69 14.38 13.62 -16.27
CA HIS A 69 14.78 12.45 -15.50
C HIS A 69 13.92 11.24 -15.87
N ILE A 70 12.63 11.46 -16.08
CA ILE A 70 11.74 10.37 -16.47
C ILE A 70 12.10 9.81 -17.84
N ILE A 71 12.29 10.71 -18.80
CA ILE A 71 12.61 10.32 -20.16
C ILE A 71 13.99 9.70 -20.22
N LYS A 72 14.95 10.35 -19.58
CA LYS A 72 16.29 9.80 -19.52
C LYS A 72 16.25 8.38 -18.98
N GLU A 73 15.41 8.14 -17.98
CA GLU A 73 15.43 6.87 -17.25
C GLU A 73 14.50 5.81 -17.82
N ASN A 74 13.77 6.15 -18.87
CA ASN A 74 12.77 5.26 -19.44
C ASN A 74 11.67 4.89 -18.45
N LYS A 75 10.98 5.91 -17.95
CA LYS A 75 9.94 5.72 -16.95
C LYS A 75 8.59 6.20 -17.46
N VAL A 76 8.53 6.71 -18.68
CA VAL A 76 7.27 7.17 -19.23
C VAL A 76 6.16 6.13 -19.07
N PRO A 77 6.46 4.85 -19.34
CA PRO A 77 5.42 3.84 -19.14
C PRO A 77 4.92 3.75 -17.70
N TYR A 78 5.78 4.12 -16.74
CA TYR A 78 5.47 4.00 -15.32
C TYR A 78 4.71 5.21 -14.80
N VAL A 79 5.16 6.40 -15.18
CA VAL A 79 4.46 7.62 -14.84
C VAL A 79 3.06 7.58 -15.42
N THR A 80 2.97 7.18 -16.68
CA THR A 80 1.69 7.08 -17.35
C THR A 80 0.76 6.13 -16.60
N ARG A 81 1.23 4.91 -16.39
CA ARG A 81 0.42 3.89 -15.75
C ARG A 81 0.00 4.33 -14.35
N GLU A 82 0.87 5.07 -13.67
CA GLU A 82 0.56 5.58 -12.35
C GLU A 82 -0.66 6.49 -12.43
N ARG A 83 -0.57 7.53 -13.26
CA ARG A 83 -1.68 8.47 -13.44
C ARG A 83 -2.96 7.76 -13.83
N ASP A 84 -2.83 6.77 -14.70
CA ASP A 84 -3.99 6.08 -15.23
C ASP A 84 -4.70 5.23 -14.18
N VAL A 85 -3.95 4.49 -13.37
CA VAL A 85 -4.55 3.68 -12.31
C VAL A 85 -5.20 4.56 -11.27
N MET A 86 -4.56 5.68 -10.95
CA MET A 86 -5.07 6.58 -9.93
C MET A 86 -6.33 7.30 -10.39
N SER A 87 -6.52 7.40 -11.70
CA SER A 87 -7.73 8.05 -12.21
C SER A 87 -8.95 7.12 -12.07
N ARG A 88 -8.69 5.81 -11.97
CA ARG A 88 -9.75 4.80 -11.95
C ARG A 88 -10.16 4.38 -10.53
N LEU A 89 -9.42 4.85 -9.53
CA LEU A 89 -9.69 4.50 -8.15
C LEU A 89 -10.71 5.45 -7.54
N ASP A 90 -11.83 4.90 -7.11
CA ASP A 90 -12.83 5.70 -6.44
C ASP A 90 -13.28 5.02 -5.16
N HIS A 91 -12.43 5.09 -4.14
CA HIS A 91 -12.65 4.36 -2.92
C HIS A 91 -11.95 5.05 -1.74
N PRO A 92 -12.63 5.17 -0.60
CA PRO A 92 -12.04 5.92 0.51
C PRO A 92 -10.67 5.43 0.98
N PHE A 93 -10.36 4.15 0.79
CA PHE A 93 -9.07 3.64 1.28
C PHE A 93 -7.91 3.86 0.32
N PHE A 94 -8.10 4.79 -0.61
CA PHE A 94 -7.07 5.06 -1.60
C PHE A 94 -6.81 6.54 -1.79
N VAL A 95 -5.55 6.89 -2.05
CA VAL A 95 -5.20 8.26 -2.39
C VAL A 95 -5.98 8.63 -3.63
N LYS A 96 -6.54 9.84 -3.63
CA LYS A 96 -7.28 10.32 -4.79
C LYS A 96 -6.41 11.26 -5.61
N LEU A 97 -6.49 11.15 -6.93
CA LEU A 97 -5.88 12.13 -7.81
C LEU A 97 -6.91 13.21 -8.10
N TYR A 98 -6.62 14.44 -7.71
CA TYR A 98 -7.57 15.53 -7.87
C TYR A 98 -7.33 16.29 -9.16
N PHE A 99 -6.09 16.35 -9.61
CA PHE A 99 -5.75 17.09 -10.83
C PHE A 99 -4.30 16.83 -11.25
N THR A 100 -3.99 17.19 -12.48
CA THR A 100 -2.63 17.19 -12.95
C THR A 100 -2.44 18.42 -13.80
N PHE A 101 -1.21 18.92 -13.84
CA PHE A 101 -0.83 19.95 -14.78
C PHE A 101 0.67 19.82 -14.99
N GLN A 102 1.26 20.80 -15.65
CA GLN A 102 2.57 20.61 -16.26
C GLN A 102 3.15 21.98 -16.59
N ASP A 103 4.39 22.22 -16.21
CA ASP A 103 5.10 23.36 -16.76
C ASP A 103 6.10 22.82 -17.79
N ASP A 104 7.15 23.57 -18.08
CA ASP A 104 8.08 23.17 -19.12
C ASP A 104 8.94 21.98 -18.71
N GLU A 105 9.36 21.95 -17.45
CA GLU A 105 10.29 20.94 -16.97
C GLU A 105 9.65 19.88 -16.09
N LYS A 106 8.46 20.16 -15.55
CA LYS A 106 7.86 19.31 -14.53
C LYS A 106 6.40 18.89 -14.71
N LEU A 107 6.06 17.73 -14.15
CA LEU A 107 4.68 17.24 -14.04
C LEU A 107 4.22 17.33 -12.59
N TYR A 108 2.96 17.72 -12.39
CA TYR A 108 2.41 17.81 -11.06
C TYR A 108 1.15 16.95 -10.91
N PHE A 109 1.08 16.16 -9.83
CA PHE A 109 -0.11 15.37 -9.52
C PHE A 109 -0.70 15.83 -8.20
N GLY A 110 -1.92 16.36 -8.23
CA GLY A 110 -2.58 16.79 -7.01
C GLY A 110 -3.21 15.62 -6.29
N LEU A 111 -2.58 15.19 -5.20
CA LEU A 111 -3.02 14.01 -4.45
C LEU A 111 -3.56 14.35 -3.07
N SER A 112 -4.39 13.47 -2.53
CA SER A 112 -4.86 13.55 -1.13
C SER A 112 -3.68 13.70 -0.18
N TYR A 113 -3.75 14.66 0.73
CA TYR A 113 -2.73 14.78 1.77
C TYR A 113 -3.12 13.88 2.95
N ALA A 114 -2.29 12.88 3.21
CA ALA A 114 -2.52 11.97 4.34
C ALA A 114 -1.89 12.60 5.58
N LYS A 115 -2.73 13.24 6.39
CA LYS A 115 -2.24 14.10 7.45
C LYS A 115 -1.34 13.39 8.45
N ASN A 116 -1.68 12.15 8.78
CA ASN A 116 -0.98 11.44 9.83
C ASN A 116 0.14 10.51 9.38
N GLY A 117 0.46 10.51 8.09
CA GLY A 117 1.68 9.87 7.62
C GLY A 117 1.63 8.36 7.49
N GLU A 118 2.80 7.73 7.57
CA GLU A 118 2.92 6.29 7.35
C GLU A 118 2.46 5.45 8.52
N LEU A 119 1.85 4.32 8.19
CA LEU A 119 1.49 3.29 9.16
C LEU A 119 2.74 2.80 9.91
N LEU A 120 3.84 2.66 9.18
CA LEU A 120 5.09 2.23 9.78
C LEU A 120 5.51 3.16 10.93
N LYS A 121 5.14 4.43 10.85
CA LYS A 121 5.48 5.39 11.88
C LYS A 121 4.86 4.97 13.20
N TYR A 122 3.63 4.48 13.12
CA TYR A 122 2.92 4.06 14.32
C TYR A 122 3.40 2.71 14.80
N ILE A 123 3.76 1.84 13.88
CA ILE A 123 4.33 0.57 14.28
C ILE A 123 5.58 0.88 15.11
N ARG A 124 6.39 1.81 14.64
CA ARG A 124 7.63 2.18 15.33
C ARG A 124 7.41 2.71 16.73
N LYS A 125 6.43 3.57 16.89
CA LYS A 125 6.30 4.33 18.12
C LYS A 125 5.60 3.56 19.24
N ILE A 126 4.70 2.64 18.89
CA ILE A 126 4.05 1.83 19.92
C ILE A 126 4.56 0.39 19.90
N GLY A 127 5.46 0.09 18.96
CA GLY A 127 6.12 -1.20 18.96
C GLY A 127 5.39 -2.30 18.22
N SER A 128 4.08 -2.36 18.40
CA SER A 128 3.22 -3.30 17.70
C SER A 128 1.81 -3.09 18.23
N PHE A 129 0.81 -3.58 17.51
CA PHE A 129 -0.58 -3.28 17.84
C PHE A 129 -1.13 -4.39 18.68
N ASP A 130 -2.05 -4.05 19.58
CA ASP A 130 -2.86 -5.05 20.27
C ASP A 130 -3.84 -5.65 19.26
N GLU A 131 -4.66 -6.60 19.72
CA GLU A 131 -5.47 -7.35 18.78
C GLU A 131 -6.56 -6.53 18.09
N THR A 132 -7.11 -5.54 18.78
CA THR A 132 -8.18 -4.73 18.20
C THR A 132 -7.72 -3.89 17.01
N CYS A 133 -6.56 -3.26 17.15
CA CYS A 133 -5.99 -2.39 16.12
C CYS A 133 -5.45 -3.17 14.93
N THR A 134 -4.75 -4.26 15.21
CA THR A 134 -4.33 -5.19 14.17
C THR A 134 -5.57 -5.57 13.35
N ARG A 135 -6.64 -5.98 14.03
CA ARG A 135 -7.82 -6.45 13.33
C ARG A 135 -8.52 -5.34 12.55
N PHE A 136 -8.62 -4.15 13.16
CA PHE A 136 -9.26 -3.05 12.48
C PHE A 136 -8.50 -2.69 11.20
N TYR A 137 -7.20 -2.42 11.34
CA TYR A 137 -6.42 -1.94 10.22
C TYR A 137 -6.11 -3.01 9.21
N THR A 138 -6.02 -4.27 9.67
CA THR A 138 -5.85 -5.38 8.76
C THR A 138 -7.08 -5.48 7.88
N ALA A 139 -8.24 -5.38 8.52
CA ALA A 139 -9.52 -5.46 7.82
C ALA A 139 -9.64 -4.37 6.74
N GLU A 140 -9.20 -3.16 7.05
CA GLU A 140 -9.24 -2.06 6.10
C GLU A 140 -8.36 -2.38 4.90
N ILE A 141 -7.20 -2.96 5.15
CA ILE A 141 -6.28 -3.32 4.08
C ILE A 141 -6.86 -4.43 3.20
N VAL A 142 -7.50 -5.42 3.83
CA VAL A 142 -8.18 -6.48 3.10
C VAL A 142 -9.27 -5.88 2.22
N SER A 143 -10.05 -4.98 2.81
CA SER A 143 -11.13 -4.32 2.10
C SER A 143 -10.62 -3.40 0.98
N ALA A 144 -9.43 -2.84 1.17
CA ALA A 144 -8.81 -2.02 0.12
C ALA A 144 -8.39 -2.92 -1.03
N LEU A 145 -7.79 -4.06 -0.69
CA LEU A 145 -7.29 -5.00 -1.70
C LEU A 145 -8.42 -5.67 -2.46
N GLU A 146 -9.52 -5.94 -1.77
CA GLU A 146 -10.68 -6.50 -2.44
C GLU A 146 -11.18 -5.55 -3.52
N TYR A 147 -11.20 -4.26 -3.20
CA TYR A 147 -11.63 -3.28 -4.19
C TYR A 147 -10.62 -3.23 -5.33
N LEU A 148 -9.34 -3.16 -4.97
CA LEU A 148 -8.34 -2.96 -5.99
C LEU A 148 -8.40 -4.13 -6.96
N HIS A 149 -8.29 -5.34 -6.40
CA HIS A 149 -8.28 -6.50 -7.25
C HIS A 149 -9.60 -6.63 -8.01
N GLY A 150 -10.68 -6.13 -7.42
CA GLY A 150 -11.93 -6.08 -8.14
C GLY A 150 -11.79 -5.42 -9.50
N LYS A 151 -10.93 -4.41 -9.60
CA LYS A 151 -10.79 -3.66 -10.84
C LYS A 151 -9.62 -4.20 -11.66
N GLY A 152 -9.18 -5.42 -11.32
CA GLY A 152 -8.09 -6.05 -12.02
C GLY A 152 -6.74 -5.33 -11.92
N ILE A 153 -6.38 -4.90 -10.72
CA ILE A 153 -5.12 -4.21 -10.53
C ILE A 153 -4.27 -4.87 -9.43
N ILE A 154 -2.96 -4.94 -9.68
CA ILE A 154 -2.03 -5.44 -8.69
C ILE A 154 -1.17 -4.27 -8.20
N HIS A 155 -1.05 -4.11 -6.89
CA HIS A 155 -0.20 -3.04 -6.38
C HIS A 155 1.27 -3.36 -6.59
N ARG A 156 1.67 -4.57 -6.20
CA ARG A 156 3.00 -5.09 -6.49
C ARG A 156 4.09 -4.59 -5.56
N ASP A 157 3.78 -3.62 -4.71
CA ASP A 157 4.77 -3.13 -3.77
C ASP A 157 4.10 -2.64 -2.48
N LEU A 158 3.15 -3.43 -1.99
CA LEU A 158 2.38 -3.09 -0.81
C LEU A 158 3.24 -3.22 0.45
N LYS A 159 3.16 -2.22 1.34
CA LYS A 159 4.02 -2.16 2.53
C LYS A 159 3.64 -0.95 3.41
N PRO A 160 4.03 -0.97 4.70
CA PRO A 160 3.60 0.01 5.69
C PRO A 160 3.95 1.45 5.33
N GLU A 161 5.01 1.63 4.53
CA GLU A 161 5.41 2.93 4.02
C GLU A 161 4.44 3.43 2.94
N ASN A 162 3.82 2.50 2.24
CA ASN A 162 2.81 2.79 1.22
C ASN A 162 1.40 3.01 1.77
N ILE A 163 1.18 2.59 3.01
CA ILE A 163 -0.14 2.69 3.60
C ILE A 163 -0.17 3.89 4.53
N LEU A 164 -0.80 4.96 4.06
CA LEU A 164 -0.83 6.20 4.82
C LEU A 164 -2.08 6.33 5.69
N LEU A 165 -2.01 7.20 6.68
CA LEU A 165 -3.14 7.41 7.57
C LEU A 165 -3.61 8.84 7.44
N ASN A 166 -4.86 9.01 6.99
CA ASN A 166 -5.45 10.33 6.90
C ASN A 166 -5.73 10.81 8.30
N GLU A 167 -6.18 12.04 8.43
CA GLU A 167 -6.22 12.65 9.74
C GLU A 167 -7.30 12.02 10.62
N ASP A 168 -8.20 11.27 10.01
CA ASP A 168 -9.14 10.44 10.76
C ASP A 168 -8.58 9.10 11.16
N MET A 169 -7.34 8.83 10.74
CA MET A 169 -6.67 7.58 11.05
C MET A 169 -7.23 6.37 10.32
N HIS A 170 -7.98 6.61 9.25
CA HIS A 170 -8.21 5.55 8.27
C HIS A 170 -7.05 5.50 7.25
N ILE A 171 -6.83 4.33 6.68
CA ILE A 171 -5.72 4.17 5.75
C ILE A 171 -6.02 4.87 4.44
N GLN A 172 -4.96 5.31 3.77
CA GLN A 172 -5.03 5.65 2.35
C GLN A 172 -3.80 5.06 1.69
N ILE A 173 -4.03 4.13 0.76
CA ILE A 173 -2.93 3.45 0.09
C ILE A 173 -2.45 4.21 -1.12
N THR A 174 -1.14 4.40 -1.19
CA THR A 174 -0.56 5.24 -2.21
C THR A 174 0.50 4.51 -3.01
N ASP A 175 1.03 5.18 -4.04
CA ASP A 175 2.21 4.73 -4.77
C ASP A 175 1.86 3.68 -5.83
N PHE A 176 1.38 4.14 -6.97
CA PHE A 176 0.91 3.22 -7.99
C PHE A 176 1.75 3.21 -9.25
N GLY A 177 2.88 3.91 -9.21
CA GLY A 177 3.81 3.85 -10.32
C GLY A 177 4.13 2.40 -10.67
N THR A 178 4.46 1.61 -9.65
CA THR A 178 4.88 0.23 -9.83
C THR A 178 3.70 -0.73 -9.98
N ALA A 179 2.48 -0.22 -9.94
CA ALA A 179 1.30 -1.07 -10.03
C ALA A 179 1.23 -1.71 -11.40
N LYS A 180 0.40 -2.74 -11.55
CA LYS A 180 0.25 -3.47 -12.82
C LYS A 180 -1.22 -3.73 -13.09
N VAL A 181 -1.70 -3.31 -14.26
CA VAL A 181 -3.10 -3.48 -14.61
C VAL A 181 -3.33 -4.72 -15.49
N LEU A 182 -3.99 -5.73 -14.92
CA LEU A 182 -4.23 -7.00 -15.60
C LEU A 182 -4.94 -6.83 -16.94
N SER A 183 -4.71 -7.78 -17.85
CA SER A 183 -5.26 -7.74 -19.20
C SER A 183 -6.52 -8.59 -19.30
N ASN A 192 5.40 -8.56 -15.10
CA ASN A 192 6.51 -9.38 -14.62
C ASN A 192 7.86 -8.65 -14.75
N PHE A 194 9.82 -7.00 -12.50
CA PHE A 194 10.91 -7.05 -11.53
C PHE A 194 10.87 -5.96 -10.44
N VAL A 195 9.70 -5.77 -9.82
CA VAL A 195 9.55 -4.72 -8.82
C VAL A 195 9.63 -5.31 -7.39
N GLY A 196 9.35 -4.48 -6.38
CA GLY A 196 9.16 -4.97 -5.03
C GLY A 196 10.17 -4.49 -4.00
N THR A 197 9.72 -4.34 -2.75
CA THR A 197 10.61 -4.08 -1.64
C THR A 197 10.96 -5.42 -1.01
N ALA A 198 12.23 -5.60 -0.65
CA ALA A 198 12.75 -6.93 -0.39
C ALA A 198 11.94 -7.68 0.67
N GLN A 199 11.66 -7.06 1.80
CA GLN A 199 10.98 -7.74 2.88
C GLN A 199 9.66 -8.37 2.44
N TYR A 200 8.99 -7.71 1.50
CA TYR A 200 7.60 -8.04 1.19
C TYR A 200 7.44 -8.79 -0.13
N VAL A 201 8.56 -8.99 -0.83
CA VAL A 201 8.55 -9.72 -2.10
C VAL A 201 8.04 -11.15 -1.92
N SER A 202 7.23 -11.60 -2.87
CA SER A 202 6.65 -12.94 -2.83
C SER A 202 7.57 -13.93 -3.54
N PRO A 203 7.44 -15.22 -3.23
CA PRO A 203 8.32 -16.25 -3.80
C PRO A 203 8.26 -16.25 -5.32
N GLU A 204 7.04 -16.25 -5.86
CA GLU A 204 6.83 -16.35 -7.29
C GLU A 204 7.61 -15.27 -8.05
N LEU A 205 7.81 -14.12 -7.43
CA LEU A 205 8.65 -13.09 -8.02
C LEU A 205 10.10 -13.55 -8.13
N LEU A 206 10.60 -14.21 -7.09
CA LEU A 206 12.00 -14.62 -7.05
C LEU A 206 12.22 -15.83 -7.94
N THR A 207 11.14 -16.32 -8.55
CA THR A 207 11.15 -17.63 -9.20
C THR A 207 10.70 -17.63 -10.66
N GLU A 208 9.83 -16.70 -11.04
CA GLU A 208 9.33 -16.66 -12.41
C GLU A 208 9.25 -15.25 -12.97
N LYS A 209 9.76 -14.28 -12.22
CA LYS A 209 9.51 -12.88 -12.52
C LYS A 209 8.00 -12.64 -12.60
N SER A 210 7.22 -13.59 -12.06
CA SER A 210 5.76 -13.55 -12.08
C SER A 210 5.16 -12.72 -10.93
N ALA A 211 4.01 -12.12 -11.19
CA ALA A 211 3.25 -11.44 -10.15
C ALA A 211 1.76 -11.60 -10.39
N CYS A 212 0.99 -11.72 -9.31
CA CYS A 212 -0.46 -11.79 -9.42
C CYS A 212 -1.10 -11.22 -8.18
N LYS A 213 -2.42 -11.18 -8.18
CA LYS A 213 -3.16 -10.62 -7.06
C LYS A 213 -2.64 -11.21 -5.77
N SER A 214 -2.18 -12.45 -5.84
CA SER A 214 -1.69 -13.17 -4.67
C SER A 214 -0.37 -12.64 -4.13
N SER A 215 0.39 -11.96 -4.97
CA SER A 215 1.63 -11.32 -4.53
C SER A 215 1.27 -10.26 -3.49
N ASP A 216 0.16 -9.57 -3.71
CA ASP A 216 -0.31 -8.55 -2.77
C ASP A 216 -0.75 -9.19 -1.46
N LEU A 217 -1.33 -10.39 -1.56
CA LEU A 217 -1.79 -11.12 -0.38
C LEU A 217 -0.62 -11.65 0.42
N TRP A 218 0.46 -11.99 -0.29
CA TRP A 218 1.71 -12.30 0.38
C TRP A 218 2.14 -11.09 1.21
N ALA A 219 2.21 -9.93 0.57
CA ALA A 219 2.55 -8.70 1.26
C ALA A 219 1.64 -8.48 2.47
N LEU A 220 0.37 -8.81 2.31
CA LEU A 220 -0.59 -8.68 3.39
C LEU A 220 -0.19 -9.55 4.59
N GLY A 221 0.05 -10.84 4.33
CA GLY A 221 0.53 -11.74 5.36
C GLY A 221 1.80 -11.25 6.05
N CYS A 222 2.64 -10.51 5.34
CA CYS A 222 3.84 -9.91 5.91
C CYS A 222 3.50 -8.71 6.79
N ILE A 223 2.57 -7.89 6.33
CA ILE A 223 2.20 -6.67 7.04
C ILE A 223 1.48 -7.01 8.33
N ILE A 224 0.60 -8.01 8.26
CA ILE A 224 -0.09 -8.51 9.44
C ILE A 224 0.90 -9.00 10.49
N TYR A 225 1.83 -9.87 10.07
CA TYR A 225 2.88 -10.35 10.97
C TYR A 225 3.54 -9.16 11.64
N GLN A 226 3.87 -8.16 10.84
CA GLN A 226 4.56 -6.97 11.30
C GLN A 226 3.70 -6.10 12.23
N LEU A 227 2.39 -6.13 12.09
CA LEU A 227 1.55 -5.36 13.01
C LEU A 227 1.60 -6.00 14.41
N VAL A 228 1.66 -7.32 14.44
CA VAL A 228 1.57 -8.08 15.68
C VAL A 228 2.96 -8.19 16.30
N ALA A 229 3.92 -8.69 15.52
CA ALA A 229 5.26 -8.87 16.02
C ALA A 229 5.97 -7.54 16.15
N GLY A 230 5.55 -6.57 15.35
CA GLY A 230 6.22 -5.28 15.32
C GLY A 230 7.45 -5.28 14.42
N LEU A 231 7.53 -6.24 13.51
CA LEU A 231 8.74 -6.44 12.71
C LEU A 231 8.44 -7.37 11.54
N PRO A 232 9.02 -7.09 10.35
CA PRO A 232 8.79 -7.90 9.15
C PRO A 232 9.22 -9.36 9.37
N PRO A 233 8.53 -10.32 8.72
CA PRO A 233 8.76 -11.75 8.99
C PRO A 233 10.10 -12.27 8.48
N PHE A 234 10.52 -11.79 7.32
CA PHE A 234 11.79 -12.18 6.74
C PHE A 234 12.78 -11.01 6.82
N ARG A 235 13.85 -11.22 7.58
CA ARG A 235 14.87 -10.19 7.80
C ARG A 235 16.28 -10.80 7.76
N ALA A 236 17.21 -10.12 7.10
CA ALA A 236 18.58 -10.60 7.00
C ALA A 236 19.55 -9.46 6.73
N GLY A 237 20.84 -9.77 6.77
CA GLY A 237 21.86 -8.75 6.56
C GLY A 237 21.80 -8.05 5.21
N ASN A 238 21.29 -8.71 4.19
CA ASN A 238 21.24 -8.12 2.86
C ASN A 238 20.10 -8.71 2.05
N GLU A 239 19.85 -8.13 0.89
CA GLU A 239 18.76 -8.56 0.03
C GLU A 239 18.81 -10.04 -0.31
N TYR A 240 20.00 -10.52 -0.66
CA TYR A 240 20.12 -11.89 -1.12
C TYR A 240 19.77 -12.85 0.02
N LEU A 241 20.20 -12.48 1.22
CA LEU A 241 19.91 -13.29 2.40
C LEU A 241 18.41 -13.30 2.67
N ILE A 242 17.77 -12.17 2.40
CA ILE A 242 16.34 -12.02 2.62
C ILE A 242 15.59 -12.91 1.63
N PHE A 243 16.02 -12.86 0.39
CA PHE A 243 15.37 -13.65 -0.64
C PHE A 243 15.51 -15.13 -0.37
N GLN A 244 16.65 -15.52 0.21
CA GLN A 244 16.87 -16.89 0.61
C GLN A 244 15.81 -17.37 1.59
N LYS A 245 15.62 -16.64 2.69
CA LYS A 245 14.64 -17.06 3.70
C LYS A 245 13.24 -17.14 3.08
N ILE A 246 12.95 -16.18 2.21
CA ILE A 246 11.65 -16.09 1.58
C ILE A 246 11.30 -17.36 0.81
N ILE A 247 12.17 -17.76 -0.11
CA ILE A 247 11.87 -18.93 -0.94
C ILE A 247 11.95 -20.23 -0.15
N LYS A 248 12.57 -20.15 1.02
CA LYS A 248 12.67 -21.29 1.94
C LYS A 248 11.50 -21.27 2.91
N LEU A 249 10.82 -20.13 2.97
CA LEU A 249 9.76 -19.89 3.94
C LEU A 249 10.32 -19.95 5.36
N GLU A 250 11.38 -19.19 5.58
CA GLU A 250 12.16 -19.29 6.78
C GLU A 250 11.88 -18.13 7.73
N TYR A 251 10.90 -18.31 8.61
CA TYR A 251 10.52 -17.30 9.60
C TYR A 251 9.72 -17.99 10.71
N ASP A 252 9.62 -17.36 11.88
CA ASP A 252 8.91 -17.99 13.00
C ASP A 252 8.02 -17.00 13.76
N PHE A 253 6.99 -17.52 14.40
CA PHE A 253 6.08 -16.68 15.18
C PHE A 253 6.55 -16.58 16.62
N PRO A 254 6.66 -15.35 17.16
CA PRO A 254 6.85 -15.16 18.60
C PRO A 254 5.67 -15.68 19.43
N GLU A 255 5.96 -16.20 20.63
CA GLU A 255 4.96 -16.97 21.39
C GLU A 255 3.71 -16.16 21.74
N LYS A 256 3.87 -14.83 21.76
CA LYS A 256 2.77 -13.97 22.19
C LYS A 256 1.81 -13.67 21.04
N PHE A 257 2.17 -14.12 19.84
CA PHE A 257 1.36 -13.88 18.65
C PHE A 257 -0.08 -14.36 18.85
N PHE A 258 -1.05 -13.46 18.61
CA PHE A 258 -2.45 -13.83 18.68
C PHE A 258 -2.66 -15.04 17.78
N PRO A 259 -3.27 -16.10 18.32
CA PRO A 259 -3.38 -17.38 17.61
C PRO A 259 -4.18 -17.28 16.30
N LYS A 260 -5.29 -16.56 16.34
CA LYS A 260 -6.13 -16.47 15.15
C LYS A 260 -5.47 -15.60 14.08
N ALA A 261 -4.61 -14.69 14.51
CA ALA A 261 -3.81 -13.89 13.59
C ALA A 261 -2.73 -14.78 12.99
N ARG A 262 -1.99 -15.48 13.85
CA ARG A 262 -0.97 -16.40 13.40
C ARG A 262 -1.55 -17.37 12.37
N ASP A 263 -2.73 -17.87 12.65
CA ASP A 263 -3.34 -18.84 11.75
C ASP A 263 -3.57 -18.23 10.39
N LEU A 264 -4.10 -17.01 10.39
CA LEU A 264 -4.42 -16.33 9.13
C LEU A 264 -3.14 -16.09 8.35
N VAL A 265 -2.10 -15.64 9.05
CA VAL A 265 -0.82 -15.35 8.43
C VAL A 265 -0.26 -16.60 7.75
N GLU A 266 -0.47 -17.75 8.38
CA GLU A 266 0.02 -19.00 7.83
C GLU A 266 -0.73 -19.42 6.58
N LYS A 267 -1.92 -18.85 6.38
CA LYS A 267 -2.69 -19.14 5.18
C LYS A 267 -2.46 -18.12 4.07
N LEU A 268 -1.55 -17.17 4.31
CA LEU A 268 -1.18 -16.16 3.33
C LEU A 268 0.27 -16.36 2.90
N LEU A 269 1.16 -16.57 3.86
CA LEU A 269 2.56 -16.86 3.57
C LEU A 269 2.69 -18.33 3.19
N VAL A 270 2.09 -18.66 2.05
CA VAL A 270 2.07 -19.98 1.47
C VAL A 270 2.89 -19.85 0.18
N LEU A 271 3.93 -20.67 0.03
CA LEU A 271 4.81 -20.55 -1.12
C LEU A 271 4.01 -20.67 -2.43
N ASP A 272 3.07 -21.60 -2.45
CA ASP A 272 2.18 -21.77 -3.58
C ASP A 272 1.15 -20.66 -3.62
N ALA A 273 1.26 -19.79 -4.62
CA ALA A 273 0.42 -18.61 -4.72
C ALA A 273 -1.04 -18.93 -5.05
N THR A 274 -1.30 -20.15 -5.48
CA THR A 274 -2.67 -20.57 -5.82
C THR A 274 -3.38 -21.14 -4.60
N LYS A 275 -2.69 -21.14 -3.47
CA LYS A 275 -3.25 -21.64 -2.23
C LYS A 275 -3.26 -20.58 -1.13
N ARG A 276 -3.07 -19.32 -1.50
CA ARG A 276 -3.18 -18.24 -0.51
C ARG A 276 -4.65 -17.83 -0.32
N LEU A 277 -5.06 -17.78 0.94
CA LEU A 277 -6.40 -17.35 1.29
C LEU A 277 -6.65 -15.99 0.68
N GLY A 278 -7.74 -15.86 -0.06
CA GLY A 278 -8.05 -14.59 -0.70
C GLY A 278 -7.87 -14.57 -2.21
N CYS A 279 -7.16 -15.55 -2.76
CA CYS A 279 -6.93 -15.55 -4.19
C CYS A 279 -8.02 -16.32 -4.93
N GLU A 280 -8.05 -16.16 -6.26
CA GLU A 280 -9.14 -16.69 -7.07
C GLU A 280 -9.27 -18.22 -7.02
N GLU A 281 -8.14 -18.92 -6.95
CA GLU A 281 -8.14 -20.38 -6.83
C GLU A 281 -8.69 -20.84 -5.49
N MET A 282 -8.63 -19.95 -4.49
CA MET A 282 -9.18 -20.25 -3.17
C MET A 282 -10.59 -19.70 -3.07
N GLU A 283 -11.10 -19.18 -4.19
CA GLU A 283 -12.48 -18.73 -4.32
C GLU A 283 -12.69 -17.32 -3.78
N GLY A 284 -11.59 -16.59 -3.57
CA GLY A 284 -11.68 -15.15 -3.46
C GLY A 284 -11.77 -14.60 -2.06
N TYR A 285 -12.38 -13.43 -1.94
CA TYR A 285 -12.33 -12.67 -0.71
C TYR A 285 -13.38 -13.07 0.30
N GLY A 286 -14.36 -13.86 -0.14
CA GLY A 286 -15.35 -14.38 0.79
C GLY A 286 -14.68 -15.21 1.87
N PRO A 287 -13.93 -16.25 1.49
CA PRO A 287 -13.30 -17.05 2.53
C PRO A 287 -12.32 -16.26 3.38
N LEU A 288 -11.62 -15.31 2.77
CA LEU A 288 -10.66 -14.51 3.50
C LEU A 288 -11.33 -13.63 4.55
N LYS A 289 -12.43 -12.97 4.19
CA LYS A 289 -13.12 -12.12 5.14
C LYS A 289 -13.85 -12.97 6.18
N ALA A 290 -14.08 -14.23 5.85
CA ALA A 290 -14.77 -15.16 6.74
C ALA A 290 -13.85 -15.69 7.85
N HIS A 291 -12.55 -15.59 7.63
CA HIS A 291 -11.58 -16.12 8.57
C HIS A 291 -11.84 -15.62 9.99
N PRO A 292 -11.77 -16.53 10.98
CA PRO A 292 -12.07 -16.28 12.39
C PRO A 292 -11.44 -15.04 13.02
N PHE A 293 -10.27 -14.64 12.54
CA PHE A 293 -9.62 -13.45 13.07
C PHE A 293 -10.51 -12.23 12.88
N PHE A 294 -11.38 -12.29 11.87
CA PHE A 294 -12.19 -11.16 11.46
C PHE A 294 -13.61 -11.29 11.97
N GLU A 295 -13.80 -12.20 12.92
CA GLU A 295 -15.14 -12.56 13.38
C GLU A 295 -15.94 -11.32 13.75
N SER A 296 -15.33 -10.43 14.52
CA SER A 296 -16.04 -9.27 15.05
C SER A 296 -16.13 -8.12 14.04
N VAL A 297 -15.54 -8.31 12.86
CA VAL A 297 -15.48 -7.22 11.88
C VAL A 297 -16.79 -7.06 11.12
N THR A 298 -17.25 -5.81 10.98
CA THR A 298 -18.30 -5.46 10.04
C THR A 298 -17.70 -4.80 8.79
N TRP A 299 -17.60 -5.59 7.72
CA TRP A 299 -16.83 -5.17 6.54
C TRP A 299 -17.52 -4.06 5.80
N GLU A 300 -18.83 -3.99 6.02
CA GLU A 300 -19.76 -3.26 5.19
C GLU A 300 -19.55 -1.74 5.21
N ASN A 301 -19.12 -1.18 6.35
CA ASN A 301 -18.97 0.26 6.47
C ASN A 301 -17.71 0.65 7.23
N LEU A 302 -16.64 -0.10 7.00
CA LEU A 302 -15.39 0.05 7.73
C LEU A 302 -14.91 1.51 7.89
N HIS A 303 -15.15 2.34 6.88
CA HIS A 303 -14.61 3.70 6.86
C HIS A 303 -15.53 4.70 7.56
N GLN A 304 -16.74 4.23 7.90
CA GLN A 304 -17.64 4.95 8.78
C GLN A 304 -17.27 4.71 10.25
N GLN A 305 -16.67 3.56 10.54
CA GLN A 305 -16.34 3.19 11.91
C GLN A 305 -15.21 4.07 12.47
N THR A 306 -15.13 4.14 13.79
CA THR A 306 -14.12 4.96 14.44
C THR A 306 -12.91 4.11 14.80
N PRO A 307 -11.74 4.42 14.21
CA PRO A 307 -10.57 3.55 14.42
C PRO A 307 -10.23 3.42 15.89
N PRO A 308 -9.86 2.21 16.31
CA PRO A 308 -9.39 2.03 17.68
C PRO A 308 -8.16 2.89 17.92
N LYS A 309 -7.99 3.33 19.16
CA LYS A 309 -6.88 4.22 19.49
C LYS A 309 -5.61 3.40 19.59
N LEU A 310 -4.52 3.91 19.01
CA LEU A 310 -3.19 3.31 19.15
C LEU A 310 -2.42 4.02 20.27
N THR A 311 -1.85 3.28 21.21
CA THR A 311 -1.64 1.83 21.12
C THR A 311 -2.81 0.94 21.57
#